data_7B33
#
_entry.id   7B33
#
_cell.length_a   98.972
_cell.length_b   58.954
_cell.length_c   61.441
_cell.angle_alpha   90.000
_cell.angle_beta   93.128
_cell.angle_gamma   90.000
#
_symmetry.space_group_name_H-M   'C 1 2 1'
#
loop_
_entity.id
_entity.type
_entity.pdbx_description
1 polymer 'Serine/threonine-protein kinase 24'
2 non-polymer 1,2-ETHANEDIOL
3 non-polymer 8-[(5-azanyl-1,3-dioxan-2-yl)methyl]-6-[4-[6-[bis(fluoranyl)methyl]pyridin-2-yl]-2-chloranyl-phenyl]-2-(methylamino)pyrido[2,3-d]pyrimidin-7-one
4 water water
#
_entity_poly.entity_id   1
_entity_poly.type   'polypeptide(L)'
_entity_poly.pdbx_seq_one_letter_code
;MRAQLWGLALNKRRATLPHPGGSTNLKADPEELFTKLEKIGKGSFGEVFKGIDNRTQKVVAIKIIDLEEAEDEIEDIQQE
ITVLSQCDSPYVTKYYGSYLKDTKLWIIMEYLGGGSALDLLEPGPLDETQIATILREILKGLDYLHSEKKIHRDIKAANV
LLSEHGEVKLADFGVAGQLTDTQIKRNTFVGTPFWMAPEVIKQSAYDSKADIWSLGITAIELARGEPPHSELHPMKVLFL
IPKNNPPTLEGNYSKPLKEFVEACLNKEPSFRPTAKELLKHKFILRNAKKTSYLTELIDAHHHHHH
;
_entity_poly.pdbx_strand_id   A
#
loop_
_chem_comp.id
_chem_comp.type
_chem_comp.name
_chem_comp.formula
EDO non-polymer 1,2-ETHANEDIOL 'C2 H6 O2'
SQE non-polymer 8-[(5-azanyl-1,3-dioxan-2-yl)methyl]-6-[4-[6-[bis(fluoranyl)methyl]pyridin-2-yl]-2-chloranyl-phenyl]-2-(methylamino)pyrido[2,3-d]pyrimidin-7-one 'C25 H23 Cl F2 N6 O3'
#
# COMPACT_ATOMS: atom_id res chain seq x y z
N THR A 24 -2.48 5.46 -23.24
CA THR A 24 -1.08 5.88 -23.20
C THR A 24 -0.74 6.80 -24.37
N ASN A 25 -0.20 7.98 -24.04
CA ASN A 25 0.07 9.01 -25.03
C ASN A 25 1.32 8.67 -25.84
N LEU A 26 1.14 8.38 -27.13
CA LEU A 26 2.26 8.01 -27.97
C LEU A 26 2.88 9.19 -28.72
N LYS A 27 2.25 10.37 -28.68
CA LYS A 27 2.71 11.50 -29.48
C LYS A 27 3.51 12.54 -28.68
N ALA A 28 3.17 12.75 -27.41
CA ALA A 28 3.82 13.78 -26.61
C ALA A 28 5.17 13.30 -26.07
N ASP A 29 6.06 14.26 -25.85
CA ASP A 29 7.39 13.97 -25.32
C ASP A 29 7.39 14.18 -23.82
N PRO A 30 7.45 13.13 -23.00
CA PRO A 30 7.42 13.35 -21.55
C PRO A 30 8.63 14.10 -21.04
N GLU A 31 9.76 14.08 -21.74
CA GLU A 31 10.94 14.80 -21.28
C GLU A 31 10.77 16.30 -21.41
N GLU A 32 9.85 16.75 -22.27
CA GLU A 32 9.51 18.16 -22.32
C GLU A 32 8.46 18.51 -21.27
N LEU A 33 7.53 17.58 -21.00
CA LEU A 33 6.43 17.84 -20.08
C LEU A 33 6.83 17.78 -18.62
N PHE A 34 7.84 16.97 -18.28
CA PHE A 34 8.20 16.73 -16.90
C PHE A 34 9.70 16.94 -16.73
N THR A 35 10.09 17.49 -15.58
CA THR A 35 11.49 17.59 -15.19
C THR A 35 11.77 16.44 -14.23
N LYS A 36 12.68 15.55 -14.60
CA LYS A 36 12.96 14.38 -13.75
C LYS A 36 13.97 14.75 -12.68
N LEU A 37 13.65 14.46 -11.42
CA LEU A 37 14.51 14.76 -10.29
C LEU A 37 15.07 13.47 -9.70
N GLU A 38 15.32 13.45 -8.39
CA GLU A 38 16.04 12.34 -7.79
C GLU A 38 15.20 11.08 -7.74
N LYS A 39 15.88 9.94 -7.71
CA LYS A 39 15.17 8.67 -7.55
C LYS A 39 14.50 8.63 -6.18
N ILE A 40 13.29 8.07 -6.13
CA ILE A 40 12.65 7.82 -4.85
C ILE A 40 12.45 6.33 -4.68
N GLY A 41 13.42 5.55 -5.13
CA GLY A 41 13.46 4.12 -4.91
C GLY A 41 13.20 3.33 -6.18
N LYS A 42 13.38 2.02 -6.06
CA LYS A 42 13.05 1.07 -7.11
C LYS A 42 11.64 0.55 -6.85
N GLY A 43 10.75 0.75 -7.82
CA GLY A 43 9.40 0.24 -7.75
C GLY A 43 9.25 -1.04 -8.57
N SER A 44 7.99 -1.46 -8.70
CA SER A 44 7.64 -2.55 -9.59
C SER A 44 8.09 -2.22 -11.01
N PHE A 45 8.83 -3.14 -11.63
CA PHE A 45 9.15 -3.12 -13.06
C PHE A 45 9.99 -1.92 -13.51
N GLY A 46 10.35 -1.01 -12.62
CA GLY A 46 11.14 0.13 -13.08
C GLY A 46 11.59 1.01 -11.92
N GLU A 47 12.39 2.01 -12.26
CA GLU A 47 12.86 2.99 -11.29
C GLU A 47 11.87 4.15 -11.21
N VAL A 48 11.73 4.71 -10.01
CA VAL A 48 10.78 5.79 -9.77
C VAL A 48 11.53 7.04 -9.36
N PHE A 49 11.10 8.17 -9.89
CA PHE A 49 11.73 9.46 -9.64
C PHE A 49 10.69 10.47 -9.18
N LYS A 50 11.11 11.36 -8.30
CA LYS A 50 10.41 12.60 -8.09
C LYS A 50 10.57 13.47 -9.33
N GLY A 51 9.52 14.19 -9.69
CA GLY A 51 9.57 14.99 -10.91
C GLY A 51 8.65 16.18 -10.76
N ILE A 52 8.76 17.08 -11.73
CA ILE A 52 7.96 18.31 -11.77
C ILE A 52 7.18 18.34 -13.07
N ASP A 53 5.88 18.56 -12.97
CA ASP A 53 5.07 18.86 -14.14
C ASP A 53 5.42 20.28 -14.60
N ASN A 54 6.10 20.42 -15.75
CA ASN A 54 6.61 21.73 -16.10
C ASN A 54 5.49 22.74 -16.37
N ARG A 55 4.25 22.28 -16.59
CA ARG A 55 3.19 23.23 -16.89
C ARG A 55 2.54 23.79 -15.63
N THR A 56 2.33 22.95 -14.62
CA THR A 56 1.70 23.34 -13.37
C THR A 56 2.70 23.59 -12.24
N GLN A 57 3.92 23.06 -12.36
CA GLN A 57 4.95 23.03 -11.33
C GLN A 57 4.59 22.14 -10.15
N LYS A 58 3.54 21.33 -10.26
CA LYS A 58 3.26 20.35 -9.22
C LYS A 58 4.29 19.23 -9.25
N VAL A 59 4.55 18.68 -8.09
CA VAL A 59 5.46 17.55 -7.98
C VAL A 59 4.70 16.28 -8.35
N VAL A 60 5.34 15.42 -9.14
CA VAL A 60 4.76 14.15 -9.54
C VAL A 60 5.74 13.04 -9.20
N ALA A 61 5.25 11.80 -9.18
CA ALA A 61 6.11 10.64 -9.15
C ALA A 61 6.15 10.06 -10.56
N ILE A 62 7.36 9.75 -11.03
CA ILE A 62 7.55 9.28 -12.41
C ILE A 62 8.19 7.90 -12.35
N LYS A 63 7.48 6.89 -12.85
CA LYS A 63 8.07 5.56 -12.99
C LYS A 63 8.46 5.38 -14.45
N ILE A 64 9.71 4.95 -14.67
CA ILE A 64 10.22 4.74 -16.02
C ILE A 64 10.54 3.27 -16.18
N ILE A 65 9.88 2.64 -17.13
CA ILE A 65 10.04 1.21 -17.39
C ILE A 65 10.68 1.05 -18.76
N ASP A 66 11.81 0.35 -18.81
CA ASP A 66 12.42 0.00 -20.08
C ASP A 66 11.66 -1.19 -20.66
N LEU A 67 10.88 -0.94 -21.71
CA LEU A 67 10.06 -2.00 -22.29
C LEU A 67 10.88 -3.03 -23.04
N GLU A 68 12.14 -2.72 -23.38
CA GLU A 68 13.01 -3.75 -23.94
C GLU A 68 13.42 -4.74 -22.87
N GLU A 69 13.74 -4.24 -21.66
CA GLU A 69 14.21 -5.11 -20.59
C GLU A 69 13.08 -5.89 -19.93
N ALA A 70 11.89 -5.32 -19.86
CA ALA A 70 10.75 -5.92 -19.18
C ALA A 70 9.68 -6.30 -20.21
N GLU A 71 10.02 -7.27 -21.06
CA GLU A 71 9.11 -7.67 -22.12
C GLU A 71 7.99 -8.57 -21.60
N ASP A 72 8.33 -9.65 -20.91
CA ASP A 72 7.32 -10.61 -20.47
C ASP A 72 6.38 -10.07 -19.39
N GLU A 73 6.55 -8.82 -18.96
CA GLU A 73 5.73 -8.25 -17.89
C GLU A 73 4.81 -7.13 -18.36
N ILE A 74 4.78 -6.83 -19.67
CA ILE A 74 4.04 -5.66 -20.14
C ILE A 74 2.55 -5.81 -19.87
N GLU A 75 2.03 -7.03 -19.99
CA GLU A 75 0.63 -7.31 -19.69
C GLU A 75 0.26 -6.89 -18.27
N ASP A 76 1.13 -7.20 -17.30
CA ASP A 76 0.84 -6.81 -15.93
C ASP A 76 0.94 -5.30 -15.75
N ILE A 77 1.79 -4.64 -16.52
CA ILE A 77 1.91 -3.18 -16.44
C ILE A 77 0.63 -2.52 -16.94
N GLN A 78 0.12 -2.96 -18.09
CA GLN A 78 -1.12 -2.37 -18.62
C GLN A 78 -2.28 -2.65 -17.68
N GLN A 79 -2.30 -3.81 -17.05
CA GLN A 79 -3.36 -4.16 -16.11
C GLN A 79 -3.39 -3.20 -14.92
N GLU A 80 -2.22 -2.90 -14.34
CA GLU A 80 -2.21 -1.94 -13.23
C GLU A 80 -2.55 -0.52 -13.70
N ILE A 81 -2.15 -0.15 -14.92
CA ILE A 81 -2.53 1.15 -15.45
C ILE A 81 -4.04 1.24 -15.60
N THR A 82 -4.65 0.20 -16.17
CA THR A 82 -6.11 0.17 -16.31
C THR A 82 -6.80 0.33 -14.96
N VAL A 83 -6.37 -0.44 -13.96
CA VAL A 83 -7.02 -0.40 -12.66
C VAL A 83 -6.93 1.00 -12.06
N LEU A 84 -5.73 1.59 -12.11
CA LEU A 84 -5.53 2.90 -11.51
C LEU A 84 -6.34 3.97 -12.24
N SER A 85 -6.43 3.87 -13.57
CA SER A 85 -7.22 4.83 -14.32
C SER A 85 -8.70 4.75 -13.97
N GLN A 86 -9.15 3.61 -13.44
CA GLN A 86 -10.55 3.45 -13.07
C GLN A 86 -10.82 3.88 -11.63
N CYS A 87 -9.81 4.29 -10.90
CA CYS A 87 -9.95 4.66 -9.50
C CYS A 87 -10.07 6.16 -9.41
N ASP A 88 -11.09 6.63 -8.68
CA ASP A 88 -11.22 8.06 -8.37
C ASP A 88 -11.62 8.16 -6.91
N SER A 89 -10.62 8.19 -6.03
CA SER A 89 -10.84 8.17 -4.62
C SER A 89 -9.75 8.96 -3.92
N PRO A 90 -10.09 9.73 -2.88
CA PRO A 90 -9.05 10.30 -2.01
C PRO A 90 -8.10 9.27 -1.42
N TYR A 91 -8.44 7.98 -1.41
CA TYR A 91 -7.64 6.98 -0.71
C TYR A 91 -6.81 6.13 -1.66
N VAL A 92 -6.82 6.43 -2.95
CA VAL A 92 -6.02 5.71 -3.94
C VAL A 92 -5.14 6.72 -4.66
N THR A 93 -3.83 6.44 -4.72
CA THR A 93 -2.90 7.37 -5.37
C THR A 93 -3.37 7.70 -6.78
N LYS A 94 -3.40 8.98 -7.09
CA LYS A 94 -3.96 9.43 -8.37
C LYS A 94 -3.03 9.10 -9.53
N TYR A 95 -3.61 8.67 -10.63
CA TYR A 95 -2.89 8.36 -11.87
C TYR A 95 -3.12 9.49 -12.88
N TYR A 96 -2.03 10.04 -13.43
CA TYR A 96 -2.16 11.15 -14.36
C TYR A 96 -1.97 10.76 -15.82
N GLY A 97 -1.38 9.61 -16.12
CA GLY A 97 -1.25 9.23 -17.51
C GLY A 97 0.08 8.56 -17.79
N SER A 98 0.30 8.15 -19.03
CA SER A 98 1.55 7.48 -19.35
C SER A 98 1.98 7.89 -20.75
N TYR A 99 3.28 7.77 -21.00
CA TYR A 99 3.89 8.23 -22.22
C TYR A 99 4.92 7.21 -22.68
N LEU A 100 5.00 7.04 -23.98
CA LEU A 100 6.01 6.19 -24.60
C LEU A 100 7.01 7.08 -25.32
N LYS A 101 8.27 7.04 -24.87
CA LYS A 101 9.36 7.76 -25.52
C LYS A 101 10.49 6.79 -25.83
N ASP A 102 10.77 6.59 -27.11
CA ASP A 102 11.74 5.56 -27.56
C ASP A 102 11.31 4.24 -26.92
N THR A 103 12.18 3.53 -26.21
CA THR A 103 11.83 2.26 -25.60
C THR A 103 11.26 2.39 -24.19
N LYS A 104 11.12 3.59 -23.66
CA LYS A 104 10.79 3.80 -22.25
C LYS A 104 9.33 4.22 -22.10
N LEU A 105 8.62 3.58 -21.17
CA LEU A 105 7.28 3.98 -20.79
C LEU A 105 7.39 4.81 -19.52
N TRP A 106 6.89 6.05 -19.57
CA TRP A 106 6.82 6.92 -18.40
C TRP A 106 5.41 6.85 -17.84
N ILE A 107 5.29 6.51 -16.56
CA ILE A 107 4.00 6.49 -15.87
C ILE A 107 4.00 7.61 -14.83
N ILE A 108 3.01 8.49 -14.90
CA ILE A 108 2.95 9.67 -14.03
C ILE A 108 1.89 9.43 -12.97
N MET A 109 2.29 9.58 -11.71
CA MET A 109 1.37 9.51 -10.59
C MET A 109 1.54 10.73 -9.70
N GLU A 110 0.52 10.93 -8.85
CA GLU A 110 0.59 11.84 -7.71
C GLU A 110 1.82 11.58 -6.85
N TYR A 111 2.54 12.64 -6.50
CA TYR A 111 3.65 12.54 -5.55
C TYR A 111 3.12 12.71 -4.13
N LEU A 112 3.42 11.75 -3.25
CA LEU A 112 3.02 11.83 -1.85
C LEU A 112 4.27 11.98 -0.98
N GLY A 113 4.50 13.18 -0.45
CA GLY A 113 5.73 13.58 0.18
C GLY A 113 5.96 13.06 1.57
N GLY A 114 4.97 12.42 2.17
CA GLY A 114 5.17 11.87 3.50
C GLY A 114 5.89 10.54 3.54
N GLY A 115 6.07 9.90 2.40
CA GLY A 115 6.72 8.60 2.36
C GLY A 115 5.73 7.50 2.64
N SER A 116 6.25 6.28 2.72
CA SER A 116 5.38 5.14 3.00
C SER A 116 5.22 4.98 4.51
N ALA A 117 4.13 4.31 4.89
CA ALA A 117 3.95 3.95 6.28
C ALA A 117 5.13 3.13 6.80
N LEU A 118 5.70 2.28 5.95
CA LEU A 118 6.87 1.51 6.38
C LEU A 118 8.04 2.42 6.72
N ASP A 119 8.31 3.40 5.86
CA ASP A 119 9.32 4.43 6.16
C ASP A 119 9.11 5.01 7.54
N LEU A 120 7.87 5.33 7.88
CA LEU A 120 7.57 6.05 9.10
C LEU A 120 7.71 5.20 10.35
N LEU A 121 7.86 3.89 10.21
CA LEU A 121 8.18 3.04 11.35
C LEU A 121 9.62 3.20 11.83
N GLU A 122 10.51 3.76 11.01
CA GLU A 122 11.94 3.68 11.28
C GLU A 122 12.38 4.40 12.55
N PRO A 123 11.91 5.61 12.89
CA PRO A 123 12.42 6.27 14.10
C PRO A 123 12.05 5.56 15.39
N GLY A 124 11.02 4.71 15.39
CA GLY A 124 10.57 4.12 16.63
C GLY A 124 9.13 3.65 16.50
N PRO A 125 8.60 3.02 17.54
CA PRO A 125 7.28 2.40 17.43
C PRO A 125 6.17 3.44 17.29
N LEU A 126 5.15 3.06 16.52
CA LEU A 126 3.93 3.85 16.47
C LEU A 126 3.15 3.69 17.77
N ASP A 127 2.36 4.70 18.13
CA ASP A 127 1.42 4.47 19.21
C ASP A 127 0.09 4.01 18.62
N GLU A 128 -0.81 3.57 19.50
CA GLU A 128 -2.03 2.96 18.96
C GLU A 128 -2.95 3.97 18.26
N THR A 129 -2.85 5.25 18.62
CA THR A 129 -3.60 6.26 17.88
C THR A 129 -3.11 6.35 16.44
N GLN A 130 -1.79 6.35 16.24
CA GLN A 130 -1.22 6.37 14.91
C GLN A 130 -1.57 5.11 14.14
N ILE A 131 -1.48 3.95 14.79
CA ILE A 131 -1.85 2.70 14.14
C ILE A 131 -3.30 2.72 13.72
N ALA A 132 -4.19 3.11 14.64
CA ALA A 132 -5.61 3.13 14.32
C ALA A 132 -5.92 4.12 13.20
N THR A 133 -5.26 5.28 13.21
CA THR A 133 -5.54 6.26 12.17
C THR A 133 -5.11 5.74 10.81
N ILE A 134 -3.95 5.09 10.75
CA ILE A 134 -3.47 4.60 9.46
C ILE A 134 -4.35 3.45 9.00
N LEU A 135 -4.71 2.56 9.91
CA LEU A 135 -5.59 1.45 9.53
C LEU A 135 -6.95 1.96 9.09
N ARG A 136 -7.47 2.98 9.76
CA ARG A 136 -8.77 3.53 9.38
C ARG A 136 -8.73 4.01 7.94
N GLU A 137 -7.69 4.76 7.59
CA GLU A 137 -7.59 5.29 6.24
C GLU A 137 -7.37 4.18 5.21
N ILE A 138 -6.57 3.17 5.57
CA ILE A 138 -6.44 2.01 4.68
C ILE A 138 -7.80 1.38 4.46
N LEU A 139 -8.58 1.23 5.53
CA LEU A 139 -9.91 0.63 5.40
C LEU A 139 -10.81 1.47 4.50
N LYS A 140 -10.69 2.80 4.57
CA LYS A 140 -11.48 3.63 3.68
C LYS A 140 -11.12 3.38 2.23
N GLY A 141 -9.83 3.17 1.96
CA GLY A 141 -9.42 2.78 0.62
C GLY A 141 -9.93 1.42 0.21
N LEU A 142 -9.89 0.44 1.12
CA LEU A 142 -10.38 -0.90 0.78
C LEU A 142 -11.88 -0.90 0.61
N ASP A 143 -12.59 -0.15 1.44
CA ASP A 143 -14.03 0.02 1.25
C ASP A 143 -14.31 0.55 -0.16
N TYR A 144 -13.53 1.54 -0.61
CA TYR A 144 -13.74 2.07 -1.95
C TYR A 144 -13.50 1.00 -3.01
N LEU A 145 -12.33 0.36 -2.96
CA LEU A 145 -11.96 -0.62 -3.98
C LEU A 145 -12.95 -1.78 -4.02
N HIS A 146 -13.28 -2.34 -2.84
CA HIS A 146 -14.20 -3.46 -2.79
C HIS A 146 -15.59 -3.08 -3.26
N SER A 147 -16.04 -1.87 -2.93
CA SER A 147 -17.30 -1.39 -3.46
C SER A 147 -17.26 -1.31 -4.98
N GLU A 148 -16.08 -1.08 -5.56
CA GLU A 148 -15.86 -0.99 -7.00
C GLU A 148 -15.55 -2.35 -7.63
N LYS A 149 -15.69 -3.44 -6.86
CA LYS A 149 -15.36 -4.80 -7.30
C LYS A 149 -13.89 -4.92 -7.69
N LYS A 150 -13.03 -4.30 -6.91
CA LYS A 150 -11.59 -4.38 -7.10
C LYS A 150 -10.95 -4.97 -5.85
N ILE A 151 -9.78 -5.57 -6.03
CA ILE A 151 -8.99 -6.12 -4.93
C ILE A 151 -7.63 -5.46 -5.02
N HIS A 152 -7.10 -4.99 -3.89
CA HIS A 152 -5.79 -4.35 -3.95
C HIS A 152 -4.69 -5.39 -4.23
N ARG A 153 -4.71 -6.48 -3.47
CA ARG A 153 -3.90 -7.70 -3.59
C ARG A 153 -2.50 -7.56 -3.00
N ASP A 154 -2.08 -6.37 -2.57
CA ASP A 154 -0.77 -6.25 -1.92
C ASP A 154 -0.81 -5.20 -0.81
N ILE A 155 -1.73 -5.35 0.14
CA ILE A 155 -1.77 -4.44 1.27
C ILE A 155 -0.60 -4.74 2.19
N LYS A 156 0.19 -3.71 2.51
CA LYS A 156 1.33 -3.83 3.41
C LYS A 156 1.81 -2.40 3.66
N ALA A 157 2.58 -2.21 4.73
CA ALA A 157 2.97 -0.83 5.08
C ALA A 157 3.78 -0.14 3.99
N ALA A 158 4.58 -0.90 3.23
CA ALA A 158 5.37 -0.26 2.18
C ALA A 158 4.52 0.25 1.03
N ASN A 159 3.29 -0.23 0.88
CA ASN A 159 2.41 0.18 -0.21
C ASN A 159 1.35 1.16 0.25
N VAL A 160 1.53 1.73 1.43
CA VAL A 160 0.65 2.75 1.95
C VAL A 160 1.43 4.05 2.00
N LEU A 161 0.99 5.05 1.23
CA LEU A 161 1.77 6.27 1.08
C LEU A 161 1.03 7.42 1.76
N LEU A 162 1.79 8.35 2.34
CA LEU A 162 1.23 9.50 3.02
C LEU A 162 1.59 10.77 2.28
N SER A 163 0.62 11.69 2.17
CA SER A 163 0.95 13.03 1.71
C SER A 163 1.71 13.78 2.79
N GLU A 164 2.25 14.95 2.42
CA GLU A 164 2.90 15.78 3.42
C GLU A 164 1.91 16.30 4.46
N HIS A 165 0.61 16.23 4.17
CA HIS A 165 -0.40 16.66 5.15
C HIS A 165 -0.93 15.50 6.00
N GLY A 166 -0.41 14.30 5.84
CA GLY A 166 -0.89 13.17 6.60
C GLY A 166 -1.98 12.37 5.94
N GLU A 167 -2.39 12.72 4.71
CA GLU A 167 -3.39 11.91 4.03
C GLU A 167 -2.78 10.55 3.69
N VAL A 168 -3.59 9.49 3.79
CA VAL A 168 -3.10 8.12 3.65
C VAL A 168 -3.72 7.49 2.41
N LYS A 169 -2.89 7.01 1.48
CA LYS A 169 -3.42 6.47 0.23
C LYS A 169 -2.78 5.12 -0.07
N LEU A 170 -3.50 4.31 -0.85
CA LEU A 170 -2.93 3.04 -1.29
C LEU A 170 -2.19 3.20 -2.60
N ALA A 171 -1.13 2.40 -2.76
CA ALA A 171 -0.34 2.36 -3.99
C ALA A 171 0.05 0.92 -4.27
N ASP A 172 0.72 0.70 -5.41
CA ASP A 172 1.37 -0.58 -5.74
C ASP A 172 0.41 -1.76 -5.59
N PHE A 173 -0.68 -1.70 -6.37
CA PHE A 173 -1.59 -2.83 -6.46
C PHE A 173 -0.81 -4.09 -6.83
N GLY A 174 -1.22 -5.22 -6.25
CA GLY A 174 -0.60 -6.48 -6.58
C GLY A 174 -1.04 -6.99 -7.94
N VAL A 175 -0.20 -7.86 -8.50
CA VAL A 175 -0.47 -8.41 -9.82
C VAL A 175 -1.59 -9.43 -9.74
N ALA A 176 -2.55 -9.33 -10.65
CA ALA A 176 -3.75 -10.16 -10.60
C ALA A 176 -3.48 -11.60 -11.08
N THR A 192 6.97 -11.74 -2.59
CA THR A 192 7.24 -12.00 -1.19
C THR A 192 5.96 -12.40 -0.46
N PRO A 193 6.03 -13.43 0.38
CA PRO A 193 4.80 -14.08 0.87
C PRO A 193 4.21 -13.59 2.18
N PHE A 194 4.88 -12.71 2.93
CA PHE A 194 4.54 -12.54 4.34
C PHE A 194 3.15 -11.94 4.56
N TRP A 195 2.62 -11.17 3.61
CA TRP A 195 1.31 -10.55 3.80
C TRP A 195 0.20 -11.31 3.11
N MET A 196 0.50 -12.44 2.48
CA MET A 196 -0.47 -13.17 1.66
C MET A 196 -1.43 -13.99 2.50
N ALA A 197 -2.70 -13.94 2.12
CA ALA A 197 -3.70 -14.78 2.77
C ALA A 197 -3.45 -16.25 2.43
N PRO A 198 -3.86 -17.17 3.31
CA PRO A 198 -3.58 -18.59 3.01
C PRO A 198 -4.25 -19.05 1.73
N GLU A 199 -5.47 -18.57 1.45
CA GLU A 199 -6.17 -19.03 0.25
C GLU A 199 -5.50 -18.51 -1.02
N VAL A 200 -4.82 -17.35 -0.95
CA VAL A 200 -4.08 -16.84 -2.08
C VAL A 200 -2.89 -17.75 -2.39
N ILE A 201 -2.19 -18.20 -1.35
CA ILE A 201 -1.03 -19.06 -1.56
C ILE A 201 -1.45 -20.39 -2.17
N LYS A 202 -2.54 -20.96 -1.68
CA LYS A 202 -3.03 -22.23 -2.20
C LYS A 202 -3.78 -22.09 -3.52
N GLN A 203 -3.89 -20.87 -4.06
CA GLN A 203 -4.53 -20.61 -5.35
C GLN A 203 -5.97 -21.14 -5.38
N TYR A 206 -10.04 -16.68 -4.65
CA TYR A 206 -10.10 -15.74 -3.54
C TYR A 206 -10.78 -14.42 -3.93
N ASP A 207 -11.16 -13.62 -2.95
CA ASP A 207 -11.94 -12.40 -3.19
C ASP A 207 -11.37 -11.28 -2.34
N SER A 208 -12.21 -10.27 -2.07
CA SER A 208 -11.77 -9.10 -1.32
C SER A 208 -11.36 -9.44 0.11
N LYS A 209 -11.79 -10.59 0.63
CA LYS A 209 -11.39 -10.93 1.98
C LYS A 209 -9.90 -11.20 2.09
N ALA A 210 -9.24 -11.48 0.96
CA ALA A 210 -7.78 -11.59 0.96
C ALA A 210 -7.15 -10.27 1.41
N ASP A 211 -7.72 -9.15 0.98
CA ASP A 211 -7.22 -7.85 1.42
C ASP A 211 -7.38 -7.68 2.93
N ILE A 212 -8.44 -8.25 3.50
CA ILE A 212 -8.68 -8.13 4.93
C ILE A 212 -7.62 -8.91 5.72
N TRP A 213 -7.27 -10.11 5.25
CA TRP A 213 -6.14 -10.81 5.87
C TRP A 213 -4.88 -9.99 5.77
N SER A 214 -4.55 -9.48 4.57
CA SER A 214 -3.34 -8.67 4.45
C SER A 214 -3.38 -7.46 5.36
N LEU A 215 -4.58 -6.90 5.60
CA LEU A 215 -4.69 -5.78 6.53
C LEU A 215 -4.34 -6.21 7.95
N GLY A 216 -4.76 -7.42 8.34
CA GLY A 216 -4.38 -7.94 9.65
C GLY A 216 -2.88 -8.06 9.79
N ILE A 217 -2.21 -8.57 8.75
CA ILE A 217 -0.75 -8.63 8.77
C ILE A 217 -0.16 -7.24 8.86
N THR A 218 -0.74 -6.30 8.11
CA THR A 218 -0.25 -4.94 8.10
C THR A 218 -0.43 -4.29 9.47
N ALA A 219 -1.53 -4.65 10.15
CA ALA A 219 -1.74 -4.16 11.52
C ALA A 219 -0.63 -4.65 12.44
N ILE A 220 -0.27 -5.93 12.35
CA ILE A 220 0.85 -6.45 13.13
C ILE A 220 2.13 -5.70 12.76
N GLU A 221 2.30 -5.45 11.47
CA GLU A 221 3.50 -4.79 10.98
C GLU A 221 3.61 -3.37 11.54
N LEU A 222 2.49 -2.63 11.57
CA LEU A 222 2.48 -1.28 12.12
C LEU A 222 2.73 -1.26 13.62
N ALA A 223 2.31 -2.32 14.32
CA ALA A 223 2.52 -2.41 15.76
C ALA A 223 3.94 -2.87 16.09
N ARG A 224 4.46 -3.84 15.35
CA ARG A 224 5.71 -4.49 15.70
C ARG A 224 6.90 -4.10 14.84
N GLY A 225 6.68 -3.50 13.68
CA GLY A 225 7.74 -3.13 12.78
C GLY A 225 7.95 -4.07 11.61
N GLU A 226 7.44 -5.30 11.71
CA GLU A 226 7.62 -6.28 10.66
C GLU A 226 6.48 -7.30 10.74
N PRO A 227 6.22 -8.03 9.66
CA PRO A 227 5.13 -9.00 9.67
C PRO A 227 5.56 -10.27 10.38
N PRO A 228 4.62 -11.15 10.69
CA PRO A 228 4.99 -12.46 11.24
C PRO A 228 5.91 -13.20 10.30
N HIS A 229 6.80 -14.01 10.88
CA HIS A 229 7.75 -14.87 10.18
C HIS A 229 8.83 -14.11 9.45
N SER A 230 9.04 -12.83 9.77
CA SER A 230 9.93 -12.02 8.95
C SER A 230 11.38 -12.47 9.03
N GLU A 231 11.73 -13.28 10.02
CA GLU A 231 13.07 -13.82 10.17
C GLU A 231 13.31 -15.05 9.30
N LEU A 232 12.26 -15.61 8.69
CA LEU A 232 12.33 -16.90 8.03
C LEU A 232 12.51 -16.77 6.52
N HIS A 233 13.01 -17.84 5.92
CA HIS A 233 13.15 -17.85 4.47
C HIS A 233 11.76 -17.84 3.84
N PRO A 234 11.57 -17.04 2.77
CA PRO A 234 10.25 -16.96 2.14
C PRO A 234 9.68 -18.31 1.72
N MET A 235 10.51 -19.25 1.28
CA MET A 235 9.97 -20.56 0.93
C MET A 235 9.40 -21.28 2.14
N LYS A 236 9.98 -21.06 3.32
CA LYS A 236 9.37 -21.61 4.54
C LYS A 236 8.03 -20.96 4.81
N VAL A 237 7.97 -19.64 4.70
CA VAL A 237 6.73 -18.92 4.98
C VAL A 237 5.62 -19.37 4.04
N LEU A 238 5.99 -19.78 2.83
CA LEU A 238 5.01 -20.24 1.84
C LEU A 238 4.22 -21.44 2.34
N PHE A 239 4.83 -22.34 3.10
CA PHE A 239 4.04 -23.44 3.63
C PHE A 239 3.59 -23.19 5.07
N LEU A 240 4.22 -22.27 5.80
CA LEU A 240 3.77 -22.01 7.16
C LEU A 240 2.42 -21.32 7.19
N ILE A 241 2.21 -20.35 6.29
CA ILE A 241 0.94 -19.60 6.31
C ILE A 241 -0.26 -20.53 6.14
N PRO A 242 -0.29 -21.45 5.17
CA PRO A 242 -1.45 -22.37 5.11
C PRO A 242 -1.51 -23.34 6.27
N LYS A 243 -0.35 -23.83 6.74
CA LYS A 243 -0.39 -24.91 7.72
C LYS A 243 -0.63 -24.44 9.15
N ASN A 244 -0.04 -23.30 9.53
CA ASN A 244 -0.07 -22.86 10.93
C ASN A 244 -1.41 -22.20 11.28
N ASN A 245 -1.70 -22.13 12.58
CA ASN A 245 -2.76 -21.23 13.02
C ASN A 245 -2.41 -19.81 12.59
N PRO A 246 -3.40 -18.94 12.45
CA PRO A 246 -3.11 -17.58 12.04
C PRO A 246 -2.24 -16.88 13.05
N PRO A 247 -1.42 -15.94 12.61
CA PRO A 247 -0.61 -15.15 13.56
C PRO A 247 -1.48 -14.40 14.53
N THR A 248 -0.94 -14.11 15.71
CA THR A 248 -1.57 -13.19 16.64
C THR A 248 -0.60 -12.04 16.93
N LEU A 249 -1.16 -10.91 17.37
CA LEU A 249 -0.33 -9.79 17.80
C LEU A 249 0.18 -10.08 19.21
N GLU A 250 1.50 -10.26 19.35
CA GLU A 250 2.11 -10.56 20.63
C GLU A 250 2.75 -9.31 21.20
N GLY A 251 2.56 -9.09 22.50
CA GLY A 251 3.14 -7.95 23.19
C GLY A 251 2.10 -7.19 23.96
N ASN A 252 2.56 -6.10 24.57
CA ASN A 252 1.73 -5.28 25.43
C ASN A 252 0.96 -4.25 24.61
N TYR A 253 0.04 -4.76 23.80
CA TYR A 253 -0.89 -3.98 23.00
C TYR A 253 -2.30 -4.11 23.55
N SER A 254 -3.14 -3.11 23.28
CA SER A 254 -4.48 -3.11 23.86
C SER A 254 -5.27 -4.30 23.33
N LYS A 255 -6.22 -4.78 24.15
CA LYS A 255 -7.02 -5.91 23.70
C LYS A 255 -7.84 -5.57 22.46
N PRO A 256 -8.40 -4.37 22.29
CA PRO A 256 -9.06 -4.07 21.01
C PRO A 256 -8.13 -4.19 19.82
N LEU A 257 -6.86 -3.79 19.94
CA LEU A 257 -5.98 -3.96 18.79
C LEU A 257 -5.71 -5.42 18.52
N LYS A 258 -5.48 -6.21 19.58
CA LYS A 258 -5.28 -7.64 19.37
C LYS A 258 -6.52 -8.26 18.74
N GLU A 259 -7.72 -7.81 19.15
CA GLU A 259 -8.94 -8.38 18.58
C GLU A 259 -9.16 -7.91 17.14
N PHE A 260 -8.77 -6.68 16.82
CA PHE A 260 -8.79 -6.25 15.42
C PHE A 260 -7.96 -7.18 14.57
N VAL A 261 -6.73 -7.45 14.99
CA VAL A 261 -5.85 -8.36 14.27
C VAL A 261 -6.47 -9.73 14.15
N GLU A 262 -6.98 -10.28 15.26
CA GLU A 262 -7.57 -11.62 15.24
C GLU A 262 -8.76 -11.68 14.29
N ALA A 263 -9.56 -10.61 14.22
CA ALA A 263 -10.72 -10.64 13.35
C ALA A 263 -10.32 -10.71 11.87
N CYS A 264 -9.28 -9.96 11.50
CA CYS A 264 -8.78 -10.00 10.13
C CYS A 264 -8.12 -11.33 9.82
N LEU A 265 -7.40 -11.88 10.78
CA LEU A 265 -6.57 -13.07 10.57
C LEU A 265 -7.32 -14.33 11.00
N ASN A 266 -8.42 -14.60 10.32
CA ASN A 266 -9.11 -15.86 10.42
C ASN A 266 -8.79 -16.65 9.16
N LYS A 267 -8.43 -17.93 9.31
CA LYS A 267 -8.16 -18.76 8.15
C LYS A 267 -9.36 -18.84 7.22
N GLU A 268 -10.58 -18.78 7.77
CA GLU A 268 -11.80 -18.82 6.97
C GLU A 268 -12.15 -17.43 6.45
N PRO A 269 -12.05 -17.19 5.13
CA PRO A 269 -12.32 -15.84 4.60
C PRO A 269 -13.70 -15.30 4.97
N SER A 270 -14.73 -16.15 4.93
CA SER A 270 -16.07 -15.69 5.23
C SER A 270 -16.24 -15.29 6.69
N PHE A 271 -15.33 -15.72 7.57
CA PHE A 271 -15.35 -15.27 8.95
C PHE A 271 -14.64 -13.93 9.14
N ARG A 272 -13.91 -13.46 8.14
CA ARG A 272 -13.33 -12.13 8.25
C ARG A 272 -14.41 -11.07 8.01
N PRO A 273 -14.36 -9.95 8.73
CA PRO A 273 -15.32 -8.88 8.49
C PRO A 273 -14.98 -8.13 7.21
N THR A 274 -15.96 -7.36 6.75
CA THR A 274 -15.75 -6.48 5.61
C THR A 274 -15.00 -5.23 6.05
N ALA A 275 -14.49 -4.50 5.07
CA ALA A 275 -13.84 -3.24 5.40
C ALA A 275 -14.83 -2.28 6.04
N LYS A 276 -16.05 -2.24 5.48
CA LYS A 276 -17.14 -1.45 6.06
C LYS A 276 -17.34 -1.78 7.53
N GLU A 277 -17.38 -3.06 7.88
CA GLU A 277 -17.61 -3.41 9.28
C GLU A 277 -16.41 -3.02 10.14
N LEU A 278 -15.19 -3.23 9.64
CA LEU A 278 -14.00 -2.93 10.43
C LEU A 278 -13.84 -1.45 10.70
N LEU A 279 -14.44 -0.59 9.87
CA LEU A 279 -14.41 0.85 10.12
C LEU A 279 -15.18 1.21 11.39
N LYS A 280 -16.07 0.34 11.85
CA LYS A 280 -16.77 0.53 13.12
C LYS A 280 -16.21 -0.34 14.24
N HIS A 281 -15.09 -1.02 13.99
CA HIS A 281 -14.48 -1.82 15.05
C HIS A 281 -14.07 -0.91 16.20
N LYS A 282 -14.28 -1.40 17.44
CA LYS A 282 -13.98 -0.59 18.61
C LYS A 282 -12.53 -0.11 18.61
N PHE A 283 -11.58 -0.89 18.11
CA PHE A 283 -10.20 -0.39 18.10
C PHE A 283 -10.10 0.88 17.29
N ILE A 284 -10.73 0.88 16.10
CA ILE A 284 -10.72 2.08 15.26
C ILE A 284 -11.45 3.22 15.93
N LEU A 285 -12.68 2.96 16.40
CA LEU A 285 -13.50 4.04 16.91
C LEU A 285 -12.89 4.66 18.17
N ARG A 286 -12.29 3.84 19.03
CA ARG A 286 -11.77 4.38 20.28
C ARG A 286 -10.39 5.02 20.13
N ASN A 287 -9.67 4.76 19.04
CA ASN A 287 -8.27 5.19 18.97
C ASN A 287 -7.93 6.10 17.78
N ALA A 288 -8.62 5.99 16.66
CA ALA A 288 -8.26 6.79 15.49
C ALA A 288 -8.57 8.26 15.72
N LYS A 289 -7.72 9.14 15.20
CA LYS A 289 -7.96 10.58 15.29
C LYS A 289 -7.74 11.22 13.93
N LYS A 290 -7.72 12.55 13.86
CA LYS A 290 -7.63 13.22 12.56
C LYS A 290 -6.32 12.85 11.86
N THR A 291 -6.37 12.72 10.53
CA THR A 291 -5.17 12.34 9.79
C THR A 291 -4.11 13.42 9.85
N SER A 292 -4.52 14.68 10.01
CA SER A 292 -3.55 15.77 10.07
C SER A 292 -2.54 15.54 11.19
N TYR A 293 -2.91 14.78 12.23
CA TYR A 293 -1.97 14.52 13.31
C TYR A 293 -0.78 13.69 12.85
N LEU A 294 -0.91 12.97 11.73
CA LEU A 294 0.18 12.15 11.24
C LEU A 294 1.35 12.98 10.71
N THR A 295 1.16 14.29 10.53
CA THR A 295 2.30 15.12 10.17
C THR A 295 3.37 15.08 11.26
N GLU A 296 2.99 14.85 12.51
CA GLU A 296 3.98 14.69 13.58
C GLU A 296 4.84 13.47 13.33
N LEU A 297 4.23 12.40 12.82
CA LEU A 297 4.99 11.21 12.44
C LEU A 297 5.88 11.49 11.24
N ILE A 298 5.39 12.23 10.25
CA ILE A 298 6.21 12.58 9.11
C ILE A 298 7.39 13.44 9.53
N ASP A 299 7.13 14.44 10.38
CA ASP A 299 8.22 15.31 10.84
C ASP A 299 9.26 14.54 11.63
N ALA A 300 8.82 13.58 12.44
CA ALA A 300 9.75 12.76 13.21
C ALA A 300 10.69 12.00 12.29
N HIS A 301 10.16 11.47 11.19
CA HIS A 301 11.00 10.73 10.25
C HIS A 301 12.06 11.62 9.60
N HIS A 302 11.77 12.91 9.43
CA HIS A 302 12.77 13.80 8.83
C HIS A 302 13.82 14.23 9.82
N HIS A 303 13.46 14.37 11.09
CA HIS A 303 14.44 14.68 12.12
C HIS A 303 15.26 13.47 12.55
N HIS A 304 14.85 12.27 12.15
CA HIS A 304 15.58 11.04 12.46
C HIS A 304 16.66 10.77 11.40
C1 EDO B . -18.01 3.56 8.97
O1 EDO B . -18.15 4.07 10.31
C2 EDO B . -19.13 2.54 8.69
O2 EDO B . -18.62 1.42 7.95
C1 EDO C . -13.69 -7.85 -5.68
O1 EDO C . -13.70 -6.82 -4.68
C2 EDO C . -14.61 -9.01 -5.29
O2 EDO C . -14.18 -9.61 -4.05
C1 EDO D . -0.24 17.49 -11.89
O1 EDO D . 0.17 18.76 -12.42
C2 EDO D . -0.46 16.51 -13.04
O2 EDO D . 0.78 16.35 -13.76
C1 EDO E . -1.84 18.29 -1.46
O1 EDO E . -0.46 18.70 -1.31
C2 EDO E . -2.47 18.87 -2.73
O2 EDO E . -1.86 18.37 -3.93
C13 SQE F . 3.58 -1.03 -12.73
C12 SQE F . 2.72 0.21 -12.64
C10 SQE F . 3.06 3.09 -10.45
C7 SQE F . 4.05 4.72 -8.39
C4 SQE F . 4.59 7.35 -5.68
C3 SQE F . 5.73 6.83 -5.05
C2 SQE F . 4.12 8.55 -5.15
C1 SQE F . 5.76 8.55 -3.58
N SQE F . 6.31 9.13 -2.50
C SQE F . 7.42 8.55 -1.77
O SQE F . 6.49 4.05 -7.10
C11 SQE F . 2.53 2.23 -11.54
C14 SQE F . 1.58 0.45 -13.38
C15 SQE F . 0.89 1.64 -13.17
C16 SQE F . 1.37 2.54 -12.24
C17 SQE F . 2.98 2.69 -9.12
C18 SQE F . 3.46 3.49 -8.11
C19 SQE F . 5.85 5.01 -6.65
C20 SQE F . 7.43 5.07 -4.83
C21 SQE F . 7.04 3.72 -4.26
C22 SQE F . 5.69 2.67 -2.66
C23 SQE F . 6.77 1.62 -2.44
C24 SQE F . 7.82 1.63 -3.55
C5 SQE F . 4.06 6.64 -6.80
C6 SQE F . 4.64 5.51 -7.28
C8 SQE F . 4.12 5.13 -9.72
C9 SQE F . 3.63 4.33 -10.74
F SQE F . 4.82 -0.72 -13.18
F1 SQE F . 3.09 -1.87 -13.68
N1 SQE F . 4.70 9.16 -4.11
N2 SQE F . 6.33 7.40 -4.00
N3 SQE F . 3.20 1.08 -11.74
N4 SQE F . 6.31 5.67 -5.55
N5 SQE F . 6.15 0.28 -2.35
O1 SQE F . 6.24 3.91 -3.12
O2 SQE F . 8.17 2.97 -3.95
CL SQE F . 4.80 6.65 -10.15
#